data_5KE7
#
_entry.id   5KE7
#
_cell.length_a   50.750
_cell.length_b   50.750
_cell.length_c   130.390
_cell.angle_alpha   90.00
_cell.angle_beta   90.00
_cell.angle_gamma   90.00
#
_symmetry.space_group_name_H-M   'P 43 21 2'
#
loop_
_entity.id
_entity.type
_entity.pdbx_description
1 polymer 'Krueppel-like factor 4'
2 polymer "DNA (5'-D(*GP*AP*GP*GP*TP*GP*TP*GP*GP*C)-3')"
3 polymer "DNA (5'-D(*GP*CP*CP*AP*(5CM)P*AP*CP*CP*TP*C)-3')"
4 non-polymer 1,2-ETHANEDIOL
5 non-polymer 'ZINC ION'
6 water water
#
loop_
_entity_poly.entity_id
_entity_poly.type
_entity_poly.pdbx_seq_one_letter_code
_entity_poly.pdbx_strand_id
1 'polypeptide(L)'
;GPLGSRTATHTCDYAGCGKTYTKSSHLKAHLRTHTGEKPYHCDWDGCGWKFARSDELTRHYRKHTGHRPFQCQKCDRAFS
RSDHLALHMKRHF
;
A
2 'polydeoxyribonucleotide' (DG)(DA)(DG)(DG)(DT)(DG)(DT)(DG)(DG)(DC) B
3 'polydeoxyribonucleotide' (DG)(DC)(DC)(DA)(5CM)(DA)(DC)(DC)(DT)(DC) C
#
loop_
_chem_comp.id
_chem_comp.type
_chem_comp.name
_chem_comp.formula
5CM DNA linking 5-METHYL-2'-DEOXY-CYTIDINE-5'-MONOPHOSPHATE 'C10 H16 N3 O7 P'
DA DNA linking 2'-DEOXYADENOSINE-5'-MONOPHOSPHATE 'C10 H14 N5 O6 P'
DC DNA linking 2'-DEOXYCYTIDINE-5'-MONOPHOSPHATE 'C9 H14 N3 O7 P'
DG DNA linking 2'-DEOXYGUANOSINE-5'-MONOPHOSPHATE 'C10 H14 N5 O7 P'
DT DNA linking THYMIDINE-5'-MONOPHOSPHATE 'C10 H15 N2 O8 P'
EDO non-polymer 1,2-ETHANEDIOL 'C2 H6 O2'
ZN non-polymer 'ZINC ION' 'Zn 2'
#
# COMPACT_ATOMS: atom_id res chain seq x y z
N THR A 7 10.49 -17.19 -12.19
CA THR A 7 11.42 -16.58 -13.14
C THR A 7 11.62 -15.09 -12.83
N ALA A 8 12.40 -14.82 -11.77
CA ALA A 8 12.68 -13.45 -11.34
C ALA A 8 14.15 -13.16 -11.54
N THR A 9 14.46 -12.12 -12.32
CA THR A 9 15.82 -11.79 -12.70
C THR A 9 16.40 -10.61 -11.91
N HIS A 10 15.57 -9.86 -11.19
CA HIS A 10 16.03 -8.69 -10.44
C HIS A 10 16.23 -9.11 -8.99
N THR A 11 17.48 -9.38 -8.63
CA THR A 11 17.84 -9.90 -7.32
C THR A 11 18.31 -8.78 -6.41
N CYS A 12 17.93 -8.87 -5.13
CA CYS A 12 18.43 -7.96 -4.11
C CYS A 12 19.81 -8.42 -3.66
N ASP A 13 20.80 -7.54 -3.76
CA ASP A 13 22.19 -7.87 -3.44
C ASP A 13 22.63 -7.27 -2.11
N TYR A 14 21.69 -7.02 -1.20
CA TYR A 14 22.00 -6.41 0.09
C TYR A 14 22.17 -7.49 1.14
N ALA A 15 23.34 -7.52 1.77
CA ALA A 15 23.61 -8.41 2.91
C ALA A 15 23.05 -9.81 2.67
N GLY A 16 23.30 -10.35 1.49
CA GLY A 16 22.84 -11.69 1.15
C GLY A 16 21.34 -11.88 1.32
N CYS A 17 20.53 -10.90 0.90
CA CYS A 17 19.09 -11.04 1.00
C CYS A 17 18.57 -12.08 0.02
N GLY A 18 18.89 -11.92 -1.26
CA GLY A 18 18.53 -12.88 -2.27
C GLY A 18 17.10 -12.80 -2.77
N LYS A 19 16.25 -11.98 -2.17
CA LYS A 19 14.90 -11.80 -2.68
C LYS A 19 14.97 -11.35 -4.14
N THR A 20 14.14 -11.97 -4.97
CA THR A 20 14.12 -11.69 -6.40
C THR A 20 12.73 -11.27 -6.84
N TYR A 21 12.68 -10.36 -7.81
CA TYR A 21 11.44 -9.80 -8.30
C TYR A 21 11.44 -9.83 -9.83
N THR A 22 10.27 -9.58 -10.41
CA THR A 22 10.10 -9.60 -11.85
C THR A 22 10.38 -8.24 -12.49
N LYS A 23 10.21 -7.15 -11.75
CA LYS A 23 10.45 -5.80 -12.25
C LYS A 23 11.49 -5.11 -11.37
N SER A 24 12.24 -4.21 -11.99
CA SER A 24 13.23 -3.44 -11.24
C SER A 24 12.56 -2.52 -10.23
N SER A 25 11.40 -1.97 -10.57
CA SER A 25 10.70 -1.08 -9.65
C SER A 25 10.26 -1.83 -8.40
N HIS A 26 9.94 -3.12 -8.53
CA HIS A 26 9.64 -3.93 -7.35
C HIS A 26 10.88 -4.06 -6.45
N LEU A 27 12.05 -4.29 -7.06
CA LEU A 27 13.27 -4.40 -6.28
C LEU A 27 13.63 -3.07 -5.63
N LYS A 28 13.47 -1.97 -6.38
CA LYS A 28 13.78 -0.66 -5.80
C LYS A 28 12.94 -0.40 -4.57
N ALA A 29 11.65 -0.73 -4.63
CA ALA A 29 10.78 -0.56 -3.46
C ALA A 29 11.22 -1.48 -2.32
N HIS A 30 11.55 -2.73 -2.63
CA HIS A 30 11.99 -3.66 -1.58
C HIS A 30 13.26 -3.16 -0.91
N LEU A 31 14.18 -2.61 -1.70
CA LEU A 31 15.44 -2.11 -1.14
C LEU A 31 15.21 -1.07 -0.05
N ARG A 32 14.06 -0.39 -0.06
CA ARG A 32 13.76 0.59 0.98
C ARG A 32 13.61 -0.07 2.34
N THR A 33 13.30 -1.37 2.39
CA THR A 33 13.27 -2.06 3.67
C THR A 33 14.65 -2.16 4.29
N HIS A 34 15.70 -2.17 3.45
CA HIS A 34 17.07 -2.21 3.95
C HIS A 34 17.63 -0.82 4.21
N THR A 35 17.17 0.20 3.49
CA THR A 35 17.73 1.54 3.59
C THR A 35 16.92 2.48 4.47
N GLY A 36 15.65 2.17 4.75
CA GLY A 36 14.81 3.07 5.50
C GLY A 36 14.31 4.26 4.72
N GLU A 37 14.55 4.31 3.42
CA GLU A 37 14.08 5.41 2.58
C GLU A 37 12.56 5.39 2.50
N LYS A 38 11.94 6.56 2.65
CA LYS A 38 10.48 6.70 2.61
C LYS A 38 10.15 7.91 1.73
N PRO A 39 10.05 7.72 0.41
CA PRO A 39 9.91 8.88 -0.48
C PRO A 39 8.54 9.53 -0.46
N TYR A 40 7.52 8.88 0.10
CA TYR A 40 6.14 9.35 -0.04
C TYR A 40 5.70 9.99 1.29
N HIS A 41 5.66 11.31 1.31
CA HIS A 41 5.44 12.09 2.53
C HIS A 41 4.00 12.60 2.56
N CYS A 42 3.32 12.36 3.68
CA CYS A 42 2.02 12.98 3.90
C CYS A 42 2.19 14.49 4.03
N ASP A 43 1.34 15.24 3.33
CA ASP A 43 1.38 16.70 3.38
C ASP A 43 0.22 17.28 4.19
N TRP A 44 -0.45 16.44 4.98
CA TRP A 44 -1.53 16.91 5.84
C TRP A 44 -0.96 17.81 6.93
N ASP A 45 -1.64 18.93 7.18
CA ASP A 45 -1.15 19.92 8.13
C ASP A 45 -0.83 19.27 9.47
N GLY A 46 0.41 19.47 9.94
CA GLY A 46 0.85 18.97 11.22
C GLY A 46 1.25 17.51 11.26
N CYS A 47 1.14 16.80 10.13
CA CYS A 47 1.47 15.38 10.08
C CYS A 47 2.82 15.18 9.42
N GLY A 48 3.64 14.30 10.01
CA GLY A 48 4.97 14.02 9.49
C GLY A 48 5.18 12.58 9.08
N TRP A 49 4.09 11.85 8.86
CA TRP A 49 4.19 10.46 8.44
C TRP A 49 4.75 10.37 7.03
N LYS A 50 5.60 9.37 6.80
CA LYS A 50 6.18 9.10 5.49
C LYS A 50 6.14 7.59 5.26
N PHE A 51 6.17 7.20 3.98
CA PHE A 51 5.97 5.80 3.62
C PHE A 51 6.90 5.40 2.47
N ALA A 52 7.22 4.12 2.43
CA ALA A 52 8.08 3.58 1.38
C ALA A 52 7.34 3.35 0.07
N ARG A 53 6.02 3.33 0.08
CA ARG A 53 5.23 3.05 -1.11
C ARG A 53 4.10 4.07 -1.25
N SER A 54 3.78 4.42 -2.49
CA SER A 54 2.74 5.41 -2.75
C SER A 54 1.38 4.94 -2.25
N ASP A 55 1.09 3.64 -2.37
CA ASP A 55 -0.22 3.16 -1.96
C ASP A 55 -0.34 3.07 -0.43
N GLU A 56 0.78 2.96 0.29
CA GLU A 56 0.73 3.10 1.73
C GLU A 56 0.36 4.53 2.12
N LEU A 57 0.83 5.53 1.36
CA LEU A 57 0.44 6.90 1.63
C LEU A 57 -1.03 7.12 1.31
N THR A 58 -1.53 6.52 0.23
CA THR A 58 -2.95 6.64 -0.09
C THR A 58 -3.82 6.12 1.05
N ARG A 59 -3.50 4.92 1.56
CA ARG A 59 -4.21 4.39 2.71
C ARG A 59 -4.16 5.36 3.88
N HIS A 60 -3.00 5.99 4.11
CA HIS A 60 -2.86 6.93 5.20
C HIS A 60 -3.74 8.17 4.99
N TYR A 61 -3.76 8.71 3.77
CA TYR A 61 -4.59 9.88 3.50
C TYR A 61 -6.06 9.59 3.76
N ARG A 62 -6.51 8.37 3.49
CA ARG A 62 -7.91 8.04 3.71
C ARG A 62 -8.24 7.96 5.19
N LYS A 63 -7.24 7.84 6.06
CA LYS A 63 -7.47 8.03 7.49
C LYS A 63 -7.74 9.50 7.80
N HIS A 64 -7.07 10.42 7.09
CA HIS A 64 -7.28 11.84 7.30
C HIS A 64 -8.64 12.27 6.76
N THR A 65 -9.02 11.77 5.59
CA THR A 65 -10.20 12.25 4.90
C THR A 65 -11.45 11.44 5.22
N GLY A 66 -11.31 10.25 5.77
CA GLY A 66 -12.46 9.36 5.91
C GLY A 66 -13.02 8.88 4.60
N HIS A 67 -12.29 9.07 3.49
CA HIS A 67 -12.78 8.66 2.18
C HIS A 67 -12.98 7.14 2.14
N ARG A 68 -14.15 6.72 1.66
CA ARG A 68 -14.49 5.30 1.52
C ARG A 68 -15.05 5.09 0.11
N PRO A 69 -14.19 5.00 -0.90
CA PRO A 69 -14.69 4.97 -2.29
C PRO A 69 -15.49 3.72 -2.63
N PHE A 70 -15.32 2.63 -1.90
CA PHE A 70 -15.86 1.33 -2.31
C PHE A 70 -17.14 1.07 -1.54
N GLN A 71 -18.27 1.47 -2.13
CA GLN A 71 -19.58 1.33 -1.52
C GLN A 71 -20.20 -0.01 -1.91
N CYS A 72 -20.65 -0.76 -0.92
CA CYS A 72 -21.37 -1.99 -1.20
C CYS A 72 -22.70 -1.68 -1.86
N GLN A 73 -22.98 -2.35 -2.98
CA GLN A 73 -24.21 -2.13 -3.72
C GLN A 73 -25.38 -2.95 -3.19
N LYS A 74 -25.23 -3.62 -2.04
CA LYS A 74 -26.28 -4.42 -1.45
C LYS A 74 -26.64 -4.00 -0.04
N CYS A 75 -25.91 -3.05 0.55
CA CYS A 75 -26.26 -2.49 1.85
C CYS A 75 -25.63 -1.10 1.94
N ASP A 76 -25.64 -0.52 3.13
CA ASP A 76 -25.17 0.84 3.34
C ASP A 76 -23.69 0.92 3.68
N ARG A 77 -22.99 -0.21 3.81
CA ARG A 77 -21.60 -0.17 4.25
C ARG A 77 -20.68 0.25 3.12
N ALA A 78 -19.60 0.96 3.49
CA ALA A 78 -18.59 1.42 2.56
C ALA A 78 -17.21 1.12 3.14
N PHE A 79 -16.21 1.08 2.25
CA PHE A 79 -14.87 0.66 2.64
C PHE A 79 -13.82 1.52 1.95
N SER A 80 -12.66 1.63 2.60
CA SER A 80 -11.54 2.37 2.05
C SER A 80 -10.73 1.54 1.07
N ARG A 81 -10.94 0.23 1.02
CA ARG A 81 -10.17 -0.66 0.17
C ARG A 81 -11.11 -1.65 -0.50
N SER A 82 -10.74 -2.04 -1.73
CA SER A 82 -11.57 -2.97 -2.49
C SER A 82 -11.55 -4.37 -1.89
N ASP A 83 -10.44 -4.77 -1.27
CA ASP A 83 -10.37 -6.12 -0.73
C ASP A 83 -11.26 -6.27 0.49
N HIS A 84 -11.43 -5.21 1.28
CA HIS A 84 -12.39 -5.25 2.37
C HIS A 84 -13.80 -5.42 1.86
N LEU A 85 -14.16 -4.70 0.80
CA LEU A 85 -15.50 -4.84 0.22
C LEU A 85 -15.71 -6.25 -0.33
N ALA A 86 -14.72 -6.76 -1.07
CA ALA A 86 -14.86 -8.10 -1.66
C ALA A 86 -15.15 -9.15 -0.61
N LEU A 87 -14.45 -9.11 0.52
CA LEU A 87 -14.73 -10.06 1.60
C LEU A 87 -16.13 -9.86 2.15
N HIS A 88 -16.52 -8.61 2.38
CA HIS A 88 -17.86 -8.33 2.89
C HIS A 88 -18.94 -8.85 1.93
N MET A 89 -18.74 -8.67 0.63
CA MET A 89 -19.75 -9.08 -0.34
C MET A 89 -20.08 -10.56 -0.24
N LYS A 90 -19.11 -11.38 0.17
CA LYS A 90 -19.37 -12.80 0.33
C LYS A 90 -20.47 -13.06 1.35
N ARG A 91 -20.62 -12.17 2.33
CA ARG A 91 -21.66 -12.31 3.34
C ARG A 91 -23.06 -12.15 2.75
N HIS A 92 -23.17 -11.59 1.54
CA HIS A 92 -24.48 -11.39 0.90
C HIS A 92 -24.92 -12.58 0.07
N PHE A 93 -24.07 -13.60 -0.11
CA PHE A 93 -24.42 -14.75 -0.93
C PHE A 93 -23.99 -16.04 -0.25
N1 5CM C 5 -4.62 -5.25 -6.50
C2 5CM C 5 -3.30 -5.66 -6.35
N3 5CM C 5 -2.49 -5.06 -5.45
C4 5CM C 5 -2.99 -4.04 -4.71
C5 5CM C 5 -4.35 -3.57 -4.82
C5A 5CM C 5 -4.93 -2.45 -4.00
C6 5CM C 5 -5.09 -4.21 -5.73
O2 5CM C 5 -2.89 -6.57 -7.03
N4 5CM C 5 -2.12 -3.49 -3.84
C1' 5CM C 5 -5.47 -5.90 -7.48
C2' 5CM C 5 -6.73 -6.53 -6.92
C3' 5CM C 5 -7.75 -6.33 -8.02
C4' 5CM C 5 -7.20 -5.24 -8.92
O4' 5CM C 5 -5.89 -4.93 -8.43
O3' 5CM C 5 -7.87 -7.53 -8.80
C5' 5CM C 5 -8.09 -4.00 -8.92
O5' 5CM C 5 -8.27 -3.50 -7.58
P 5CM C 5 -9.01 -2.09 -7.35
OP1 5CM C 5 -10.34 -2.17 -7.94
OP2 5CM C 5 -8.86 -1.71 -5.95
H5A1 5CM C 5 -4.18 -2.07 -3.34
H5A2 5CM C 5 -5.25 -1.67 -4.63
H5A3 5CM C 5 -5.75 -2.81 -3.43
H6 5CM C 5 -6.12 -3.90 -5.87
HN41 5CM C 5 -2.42 -2.73 -3.24
HN42 5CM C 5 -1.18 -3.84 -3.77
H1' 5CM C 5 -4.90 -6.69 -7.99
H2' 5CM C 5 -7.06 -6.02 -6.01
H2'' 5CM C 5 -6.59 -7.59 -6.71
H3' 5CM C 5 -8.72 -6.03 -7.60
H4' 5CM C 5 -7.13 -5.62 -9.94
H5' 5CM C 5 -9.07 -4.25 -9.35
H5'' 5CM C 5 -7.64 -3.22 -9.55
C1 EDO D . -5.35 0.70 -1.72
O1 EDO D . -4.50 -0.12 -0.91
C2 EDO D . -4.52 1.74 -2.46
O2 EDO D . -5.10 2.04 -3.73
H11 EDO D . -6.09 1.20 -1.10
H12 EDO D . -5.88 0.07 -2.45
HO1 EDO D . -5.04 -0.78 -0.45
H21 EDO D . -4.46 2.65 -1.87
H22 EDO D . -3.50 1.37 -2.61
HO2 EDO D . -4.57 2.70 -4.19
C1 EDO E . 4.88 -1.28 -4.99
O1 EDO E . 4.40 0.06 -4.82
C2 EDO E . 6.12 -1.28 -5.89
O2 EDO E . 5.86 -0.50 -7.06
H11 EDO E . 4.11 -1.90 -5.45
H12 EDO E . 5.14 -1.71 -4.02
HO1 EDO E . 3.62 0.04 -4.25
H21 EDO E . 6.37 -2.30 -6.18
H22 EDO E . 6.97 -0.86 -5.34
HO2 EDO E . 6.65 -0.49 -7.63
ZN ZN F . -23.14 -5.02 1.92
ZN ZN G . -0.73 12.30 7.54
ZN ZN H . 16.71 -7.47 0.14
C1 EDO I . 7.79 -4.06 -3.10
O1 EDO I . 7.20 -3.81 -1.82
C2 EDO I . 8.07 -5.55 -3.27
O2 EDO I . 6.93 -6.32 -2.86
H11 EDO I . 8.72 -3.49 -3.19
H12 EDO I . 7.11 -3.72 -3.88
HO1 EDO I . 7.02 -2.87 -1.72
H21 EDO I . 8.94 -5.83 -2.67
H22 EDO I . 8.31 -5.76 -4.31
HO2 EDO I . 7.12 -7.26 -2.97
C1 EDO J . -0.61 -11.87 -3.63
O1 EDO J . -1.47 -10.76 -3.93
C2 EDO J . 0.82 -11.55 -4.04
O2 EDO J . 0.83 -11.15 -5.41
H11 EDO J . -0.96 -12.75 -4.17
H12 EDO J . -0.65 -12.09 -2.56
HO1 EDO J . -2.38 -10.98 -3.66
H21 EDO J . 1.45 -12.41 -3.89
H22 EDO J . 1.20 -10.73 -3.41
HO2 EDO J . 1.74 -10.94 -5.67
#